data_5K4P
#
_entry.id   5K4P
#
_cell.length_a   59.080
_cell.length_b   59.080
_cell.length_c   186.680
_cell.angle_alpha   90.000
_cell.angle_beta   90.000
_cell.angle_gamma   90.000
#
_symmetry.space_group_name_H-M   'P 43 21 2'
#
loop_
_entity.id
_entity.type
_entity.pdbx_description
1 polymer 'Probable phosphatidylethanolamine transferase Mcr-1'
2 non-polymer 'ZINC ION'
3 non-polymer sorbitol
4 water water
#
_entity_poly.entity_id   1
_entity_poly.type   'polypeptide(L)'
_entity_poly.pdbx_seq_one_letter_code
;HHHHHHENLYFQHMSAPKDTIYHAKDAVQATKPDMRKPRLVVFVVGETARADHVSFNGYERDTFPQLAKIDGVTNFSNVT
SCGTS(TPO)AYSVPCMFSYLGADEYDVDTAKYQENVLDTLDRLGVSILWRDNNSDSKGVMDKLPKAQFADYKSATNNAI
CNTNPYNECRDVGMLVGLDDFVAANNGKDMLIMLHQMGNHGPAYFKRYDEKFAKFTPVCEGNELAKCEHQSLINAYDNAL
LATDDFIAQSIQWLQTHSNAYDVSMLYVSDHGESLGENGVYLHGMPNAFAPKEQRSVPAFFWTDKQTGITPMATDTVLTH
DAITPTLLKLFDVTADKVKDRTAFIR
;
_entity_poly.pdbx_strand_id   A
#
# COMPACT_ATOMS: atom_id res chain seq x y z
N ASP A 19 8.35 -7.73 25.88
CA ASP A 19 7.15 -8.54 25.84
C ASP A 19 6.88 -9.00 24.39
N THR A 20 7.87 -8.97 23.53
CA THR A 20 7.66 -9.38 22.15
C THR A 20 7.46 -10.90 22.06
N ILE A 21 6.45 -11.29 21.28
CA ILE A 21 6.22 -12.70 20.95
C ILE A 21 6.80 -12.92 19.56
N TYR A 22 7.83 -13.73 19.47
CA TYR A 22 8.57 -13.91 18.22
C TYR A 22 7.94 -14.99 17.35
N HIS A 23 8.08 -14.80 16.04
CA HIS A 23 7.61 -15.75 15.06
C HIS A 23 8.65 -16.15 14.02
N ALA A 24 9.75 -15.41 13.89
CA ALA A 24 10.70 -15.66 12.80
C ALA A 24 12.12 -15.53 13.29
N LYS A 25 12.40 -16.04 14.48
CA LYS A 25 13.78 -15.98 14.97
C LYS A 25 14.71 -16.80 14.08
N ASP A 26 14.17 -17.75 13.32
CA ASP A 26 14.95 -18.56 12.40
C ASP A 26 15.25 -17.85 11.09
N ALA A 27 14.67 -16.65 10.85
CA ALA A 27 14.78 -16.07 9.51
C ALA A 27 16.24 -15.86 9.11
N VAL A 28 16.55 -16.22 7.87
CA VAL A 28 17.90 -16.05 7.31
C VAL A 28 17.80 -15.37 5.95
N GLN A 29 18.80 -14.56 5.66
CA GLN A 29 18.87 -13.87 4.39
C GLN A 29 19.90 -14.62 3.54
N ALA A 30 19.49 -15.15 2.38
CA ALA A 30 20.37 -16.05 1.66
C ALA A 30 21.52 -15.34 0.97
N THR A 31 21.34 -14.08 0.59
CA THR A 31 22.42 -13.31 0.00
C THR A 31 22.32 -11.89 0.56
N LYS A 32 23.47 -11.23 0.65
CA LYS A 32 23.56 -9.93 1.29
C LYS A 32 23.94 -8.85 0.28
N PRO A 33 23.63 -7.58 0.58
CA PRO A 33 23.91 -6.50 -0.37
C PRO A 33 25.39 -6.13 -0.50
N ASP A 34 26.31 -6.83 0.19
CA ASP A 34 27.74 -6.64 -0.08
C ASP A 34 28.25 -7.55 -1.17
N MET A 35 27.40 -8.44 -1.68
CA MET A 35 27.77 -9.45 -2.65
C MET A 35 26.78 -9.58 -3.79
N ARG A 36 25.76 -8.78 -3.81
CA ARG A 36 24.83 -8.72 -4.92
C ARG A 36 24.21 -7.34 -4.84
N LYS A 37 23.48 -6.95 -5.90
CA LYS A 37 22.93 -5.60 -5.89
C LYS A 37 22.03 -5.38 -4.66
N PRO A 38 22.14 -4.24 -3.99
CA PRO A 38 21.16 -3.92 -2.96
C PRO A 38 19.76 -3.80 -3.56
N ARG A 39 18.76 -4.04 -2.74
CA ARG A 39 17.37 -4.07 -3.18
C ARG A 39 16.64 -2.94 -2.52
N LEU A 40 15.82 -2.23 -3.29
CA LEU A 40 15.11 -1.04 -2.84
C LEU A 40 13.66 -1.21 -3.24
N VAL A 41 12.77 -1.27 -2.25
CA VAL A 41 11.36 -1.56 -2.50
C VAL A 41 10.52 -0.46 -1.89
N VAL A 42 9.51 -0.03 -2.63
CA VAL A 42 8.47 0.83 -2.07
C VAL A 42 7.21 0.00 -1.93
N PHE A 43 6.65 -0.03 -0.73
CA PHE A 43 5.33 -0.63 -0.48
C PHE A 43 4.35 0.52 -0.23
N VAL A 44 3.45 0.73 -1.19
CA VAL A 44 2.37 1.69 -1.01
C VAL A 44 1.25 1.00 -0.26
N VAL A 45 0.98 1.47 0.96
CA VAL A 45 -0.13 0.97 1.75
C VAL A 45 -1.32 1.85 1.40
N GLY A 46 -2.23 1.29 0.60
CA GLY A 46 -3.33 2.05 0.02
C GLY A 46 -4.46 2.26 1.00
N GLU A 47 -5.48 2.96 0.52
CA GLU A 47 -6.55 3.39 1.41
C GLU A 47 -7.87 3.40 0.64
N THR A 48 -8.83 2.59 1.05
CA THR A 48 -10.23 2.65 0.63
C THR A 48 -10.44 2.25 -0.82
N ALA A 49 -9.43 1.81 -1.55
CA ALA A 49 -9.67 1.49 -2.96
C ALA A 49 -10.32 0.12 -3.15
N ARG A 50 -11.28 0.07 -4.09
CA ARG A 50 -12.08 -1.12 -4.45
C ARG A 50 -11.52 -1.77 -5.69
N ALA A 51 -11.32 -3.09 -5.63
CA ALA A 51 -10.90 -3.81 -6.82
C ALA A 51 -11.84 -3.57 -8.00
N ASP A 52 -13.14 -3.51 -7.75
CA ASP A 52 -14.10 -3.46 -8.86
C ASP A 52 -14.15 -2.08 -9.51
N HIS A 53 -13.44 -1.09 -9.03
CA HIS A 53 -13.28 0.18 -9.72
C HIS A 53 -11.95 0.31 -10.44
N VAL A 54 -11.22 -0.79 -10.62
CA VAL A 54 -9.96 -0.78 -11.34
C VAL A 54 -10.25 -1.24 -12.78
N SER A 55 -9.81 -0.43 -13.75
CA SER A 55 -9.93 -0.80 -15.16
C SER A 55 -9.50 -2.24 -15.42
N PHE A 56 -8.33 -2.64 -14.90
CA PHE A 56 -7.77 -3.95 -15.19
C PHE A 56 -8.65 -5.07 -14.69
N ASN A 57 -9.49 -4.82 -13.68
CA ASN A 57 -10.36 -5.85 -13.13
C ASN A 57 -11.71 -5.87 -13.80
N GLY A 58 -11.92 -5.07 -14.84
CA GLY A 58 -13.15 -5.08 -15.57
C GLY A 58 -14.06 -3.90 -15.30
N TYR A 59 -13.58 -2.88 -14.62
CA TYR A 59 -14.42 -1.71 -14.46
C TYR A 59 -14.72 -1.06 -15.81
N GLU A 60 -15.84 -0.36 -15.88
CA GLU A 60 -16.27 0.26 -17.13
C GLU A 60 -15.53 1.53 -17.48
N ARG A 61 -14.72 2.09 -16.58
CA ARG A 61 -13.97 3.30 -16.80
C ARG A 61 -12.47 3.07 -16.60
N ASP A 62 -11.69 3.84 -17.34
CA ASP A 62 -10.24 3.72 -17.24
C ASP A 62 -9.73 4.55 -16.05
N THR A 63 -9.67 3.91 -14.89
CA THR A 63 -9.22 4.60 -13.68
C THR A 63 -7.71 4.49 -13.46
N PHE A 64 -6.98 3.70 -14.27
CA PHE A 64 -5.52 3.56 -14.11
C PHE A 64 -4.79 3.74 -15.42
N PRO A 65 -4.98 4.88 -16.07
CA PRO A 65 -4.38 5.05 -17.41
C PRO A 65 -2.85 5.12 -17.37
N GLN A 66 -2.26 5.68 -16.32
CA GLN A 66 -0.82 5.78 -16.30
C GLN A 66 -0.20 4.43 -16.00
N LEU A 67 -0.74 3.67 -15.04
CA LEU A 67 -0.12 2.36 -14.75
C LEU A 67 -0.25 1.43 -15.95
N ALA A 68 -1.31 1.59 -16.73
CA ALA A 68 -1.48 0.80 -17.94
C ALA A 68 -0.32 0.92 -18.90
N LYS A 69 0.39 2.05 -18.93
CA LYS A 69 1.44 2.26 -19.89
C LYS A 69 2.79 1.78 -19.40
N ILE A 70 2.92 1.37 -18.13
CA ILE A 70 4.22 1.02 -17.57
C ILE A 70 4.45 -0.46 -17.76
N ASP A 71 5.51 -0.83 -18.44
CA ASP A 71 5.85 -2.24 -18.56
C ASP A 71 6.27 -2.78 -17.19
N GLY A 72 5.90 -4.00 -16.91
CA GLY A 72 6.36 -4.59 -15.69
C GLY A 72 5.38 -4.48 -14.54
N VAL A 73 4.19 -3.92 -14.77
CA VAL A 73 3.14 -3.89 -13.73
C VAL A 73 2.32 -5.15 -13.90
N THR A 74 2.07 -5.83 -12.78
CA THR A 74 1.11 -6.92 -12.71
C THR A 74 -0.07 -6.50 -11.83
N ASN A 75 -1.27 -6.68 -12.36
CA ASN A 75 -2.50 -6.43 -11.60
C ASN A 75 -3.00 -7.76 -11.08
N PHE A 76 -3.48 -7.77 -9.85
CA PHE A 76 -4.06 -8.98 -9.22
C PHE A 76 -5.55 -8.83 -9.06
N SER A 77 -6.31 -9.74 -9.70
CA SER A 77 -7.77 -9.54 -9.79
C SER A 77 -8.56 -10.17 -8.66
N ASN A 78 -7.91 -10.93 -7.77
CA ASN A 78 -8.65 -11.64 -6.74
C ASN A 78 -7.91 -11.47 -5.41
N VAL A 79 -7.98 -10.28 -4.80
CA VAL A 79 -7.30 -9.98 -3.51
C VAL A 79 -8.37 -9.59 -2.51
N THR A 80 -8.33 -10.24 -1.33
CA THR A 80 -9.25 -9.97 -0.24
C THR A 80 -8.48 -9.42 0.96
N SER A 81 -8.89 -8.25 1.47
CA SER A 81 -8.24 -7.65 2.62
C SER A 81 -8.54 -8.46 3.90
N CYS A 82 -7.65 -8.32 4.88
CA CYS A 82 -7.82 -9.02 6.16
C CYS A 82 -9.06 -8.54 6.90
N GLY A 83 -9.36 -7.24 6.82
CA GLY A 83 -10.54 -6.70 7.43
C GLY A 83 -10.99 -5.49 6.65
N THR A 84 -11.86 -4.70 7.29
CA THR A 84 -12.58 -3.62 6.63
C THR A 84 -12.20 -2.25 7.19
N SER A 85 -11.06 -2.12 7.87
CA SER A 85 -10.73 -0.80 8.49
C SER A 85 -9.23 -0.71 8.60
N ALA A 87 -7.42 0.24 11.38
CA ALA A 87 -6.84 -0.35 12.59
C ALA A 87 -6.79 -1.86 12.56
N TYR A 88 -7.76 -2.48 11.89
CA TYR A 88 -7.74 -3.93 11.81
C TYR A 88 -6.77 -4.40 10.74
N SER A 89 -6.89 -3.85 9.52
CA SER A 89 -6.13 -4.40 8.40
C SER A 89 -4.64 -4.06 8.46
N VAL A 90 -4.26 -2.85 8.82
CA VAL A 90 -2.85 -2.48 8.66
C VAL A 90 -1.93 -3.38 9.48
N PRO A 91 -2.20 -3.63 10.76
CA PRO A 91 -1.30 -4.58 11.44
C PRO A 91 -1.35 -5.97 10.86
N CYS A 92 -2.51 -6.42 10.37
CA CYS A 92 -2.59 -7.75 9.79
C CYS A 92 -1.74 -7.84 8.53
N MET A 93 -1.62 -6.74 7.78
CA MET A 93 -0.85 -6.76 6.56
C MET A 93 0.61 -7.12 6.81
N PHE A 94 1.13 -6.79 8.00
CA PHE A 94 2.54 -7.00 8.33
C PHE A 94 2.71 -8.15 9.30
N SER A 95 1.65 -8.88 9.59
CA SER A 95 1.66 -9.94 10.58
C SER A 95 2.29 -11.21 10.00
N TYR A 96 2.75 -12.08 10.90
CA TYR A 96 3.08 -13.47 10.55
C TYR A 96 1.92 -14.42 10.70
N LEU A 97 0.83 -14.00 11.34
CA LEU A 97 -0.14 -14.99 11.83
C LEU A 97 -1.17 -15.40 10.81
N GLY A 98 -1.39 -14.61 9.78
CA GLY A 98 -2.46 -14.85 8.82
C GLY A 98 -3.77 -14.39 9.38
N ALA A 99 -4.73 -14.17 8.46
CA ALA A 99 -6.00 -13.55 8.86
C ALA A 99 -6.74 -14.37 9.90
N ASP A 100 -6.72 -15.71 9.81
CA ASP A 100 -7.50 -16.52 10.73
C ASP A 100 -7.03 -16.35 12.16
N GLU A 101 -5.70 -16.35 12.40
CA GLU A 101 -5.21 -16.32 13.77
C GLU A 101 -4.79 -14.92 14.22
N TYR A 102 -4.79 -13.97 13.31
CA TYR A 102 -4.55 -12.57 13.66
C TYR A 102 -5.61 -12.10 14.65
N ASP A 103 -5.19 -11.39 15.68
CA ASP A 103 -6.15 -10.67 16.51
C ASP A 103 -5.62 -9.25 16.70
N VAL A 104 -6.53 -8.29 16.54
CA VAL A 104 -6.08 -6.91 16.59
C VAL A 104 -5.59 -6.56 17.98
N ASP A 105 -6.18 -7.18 19.01
CA ASP A 105 -5.87 -6.77 20.40
C ASP A 105 -4.43 -7.04 20.80
N THR A 106 -3.75 -8.02 20.19
CA THR A 106 -2.39 -8.35 20.61
C THR A 106 -1.35 -8.18 19.51
N ALA A 107 -1.76 -7.63 18.36
CA ALA A 107 -0.84 -7.46 17.24
C ALA A 107 0.40 -6.68 17.64
N LYS A 108 0.24 -5.68 18.50
CA LYS A 108 1.35 -4.77 18.80
C LYS A 108 2.52 -5.51 19.44
N TYR A 109 2.27 -6.56 20.15
CA TYR A 109 3.31 -7.32 20.81
C TYR A 109 3.93 -8.43 20.01
N GLN A 110 3.41 -8.76 18.85
CA GLN A 110 3.99 -9.78 18.01
C GLN A 110 5.15 -9.18 17.20
N GLU A 111 6.20 -9.97 17.03
CA GLU A 111 7.17 -9.65 15.98
C GLU A 111 6.42 -9.62 14.65
N ASN A 112 6.64 -8.55 13.87
CA ASN A 112 6.06 -8.45 12.53
C ASN A 112 7.17 -8.44 11.49
N VAL A 113 6.74 -8.44 10.21
CA VAL A 113 7.74 -8.64 9.16
C VAL A 113 8.76 -7.50 9.10
N LEU A 114 8.37 -6.29 9.49
CA LEU A 114 9.34 -5.20 9.49
C LEU A 114 10.37 -5.39 10.60
N ASP A 115 9.94 -5.92 11.77
CA ASP A 115 10.90 -6.26 12.81
C ASP A 115 11.93 -7.24 12.29
N THR A 116 11.49 -8.25 11.55
CA THR A 116 12.43 -9.25 11.08
C THR A 116 13.39 -8.64 10.07
N LEU A 117 12.85 -7.90 9.10
CA LEU A 117 13.71 -7.32 8.06
C LEU A 117 14.70 -6.31 8.66
N ASP A 118 14.25 -5.51 9.64
CA ASP A 118 15.19 -4.62 10.32
C ASP A 118 16.28 -5.41 11.05
N ARG A 119 15.91 -6.52 11.72
CA ARG A 119 16.94 -7.31 12.42
C ARG A 119 17.98 -7.84 11.44
N LEU A 120 17.55 -8.19 10.23
CA LEU A 120 18.41 -8.69 9.18
C LEU A 120 19.17 -7.61 8.44
N GLY A 121 19.00 -6.35 8.79
CA GLY A 121 19.82 -5.28 8.24
C GLY A 121 19.15 -4.46 7.15
N VAL A 122 17.90 -4.77 6.78
CA VAL A 122 17.19 -3.91 5.84
C VAL A 122 16.83 -2.60 6.53
N SER A 123 17.05 -1.48 5.84
CA SER A 123 16.72 -0.17 6.40
C SER A 123 15.25 0.11 6.12
N ILE A 124 14.47 0.30 7.17
CA ILE A 124 13.03 0.50 7.10
C ILE A 124 12.70 1.98 7.24
N LEU A 125 11.84 2.50 6.36
CA LEU A 125 11.31 3.85 6.47
C LEU A 125 9.80 3.79 6.30
N TRP A 126 9.08 4.57 7.09
CA TRP A 126 7.60 4.61 7.00
C TRP A 126 7.20 6.07 6.96
N ARG A 127 6.73 6.53 5.80
CA ARG A 127 6.15 7.89 5.72
C ARG A 127 4.65 7.76 5.64
N ASP A 128 3.94 8.63 6.37
CA ASP A 128 2.51 8.42 6.56
C ASP A 128 1.71 9.68 6.25
N ASN A 129 0.87 9.62 5.24
CA ASN A 129 -0.03 10.71 4.89
C ASN A 129 -1.47 10.26 5.11
N ASN A 130 -1.70 9.52 6.17
CA ASN A 130 -3.01 8.88 6.38
C ASN A 130 -3.41 9.01 7.83
N SER A 131 -2.59 8.45 8.72
CA SER A 131 -2.89 8.40 10.14
C SER A 131 -1.58 8.00 10.80
N ASP A 132 -1.37 6.71 11.04
CA ASP A 132 -0.09 6.25 11.55
C ASP A 132 0.06 4.79 11.19
N SER A 133 1.12 4.16 11.68
CA SER A 133 1.33 2.77 11.31
C SER A 133 0.53 1.76 12.14
N LYS A 134 -0.35 2.23 13.03
CA LYS A 134 -1.23 1.33 13.78
C LYS A 134 -0.45 0.29 14.55
N GLY A 135 0.67 0.72 15.15
CA GLY A 135 1.49 -0.15 15.97
C GLY A 135 2.62 -0.83 15.22
N VAL A 136 2.59 -0.85 13.89
CA VAL A 136 3.53 -1.70 13.16
C VAL A 136 4.96 -1.22 13.36
N MET A 137 5.17 0.10 13.40
CA MET A 137 6.52 0.67 13.55
C MET A 137 6.99 0.79 14.98
N ASP A 138 6.19 0.36 15.96
CA ASP A 138 6.42 0.85 17.33
C ASP A 138 7.69 0.31 17.95
N LYS A 139 8.20 -0.86 17.52
CA LYS A 139 9.43 -1.36 18.11
C LYS A 139 10.66 -0.74 17.45
N LEU A 140 10.51 -0.08 16.33
CA LEU A 140 11.68 0.46 15.64
C LEU A 140 11.89 1.90 16.06
N PRO A 141 13.11 2.43 15.87
CA PRO A 141 13.40 3.81 16.29
C PRO A 141 12.39 4.82 15.73
N LYS A 142 12.08 5.83 16.55
CA LYS A 142 11.05 6.79 16.15
C LYS A 142 11.43 7.55 14.88
N ALA A 143 12.73 7.73 14.64
CA ALA A 143 13.16 8.47 13.45
C ALA A 143 12.80 7.76 12.16
N GLN A 144 12.46 6.47 12.22
CA GLN A 144 12.10 5.74 11.00
C GLN A 144 10.66 5.92 10.61
N PHE A 145 9.88 6.65 11.39
CA PHE A 145 8.49 6.97 11.09
C PHE A 145 8.41 8.47 10.90
N ALA A 146 7.75 8.92 9.84
CA ALA A 146 7.59 10.35 9.61
C ALA A 146 6.16 10.66 9.22
N ASP A 147 5.60 11.70 9.84
CA ASP A 147 4.23 12.18 9.60
C ASP A 147 4.23 13.13 8.40
N TYR A 148 3.64 12.69 7.29
CA TYR A 148 3.54 13.47 6.07
C TYR A 148 2.14 14.05 5.88
N LYS A 149 1.27 13.99 6.90
CA LYS A 149 -0.01 14.70 6.82
C LYS A 149 0.16 16.16 7.13
N SER A 150 1.28 16.50 7.72
CA SER A 150 1.59 17.84 8.17
C SER A 150 2.41 18.58 7.12
N ALA A 151 2.03 19.83 6.88
CA ALA A 151 2.78 20.66 5.97
C ALA A 151 4.17 21.02 6.51
N THR A 152 4.44 20.77 7.80
CA THR A 152 5.80 20.91 8.28
C THR A 152 6.73 19.96 7.56
N ASN A 153 6.26 18.75 7.23
CA ASN A 153 7.11 17.79 6.56
C ASN A 153 6.78 17.58 5.10
N ASN A 154 5.51 17.76 4.71
CA ASN A 154 5.08 17.50 3.35
C ASN A 154 5.02 18.82 2.61
N ALA A 155 5.82 18.92 1.54
CA ALA A 155 5.92 20.17 0.76
C ALA A 155 4.76 20.37 -0.21
N ILE A 156 3.85 19.40 -0.34
CA ILE A 156 2.81 19.52 -1.37
C ILE A 156 1.46 19.50 -0.69
N CYS A 157 1.04 20.65 -0.18
CA CYS A 157 -0.22 20.80 0.46
C CYS A 157 -1.07 21.99 -0.01
N ASN A 158 -0.50 22.93 -0.72
CA ASN A 158 -1.25 24.11 -1.17
C ASN A 158 -1.73 24.05 -2.61
N THR A 159 -1.87 22.85 -3.14
CA THR A 159 -2.29 22.61 -4.51
C THR A 159 -3.79 22.39 -4.65
N ASN A 160 -4.50 22.56 -3.57
CA ASN A 160 -5.93 22.35 -3.54
C ASN A 160 -6.54 23.29 -2.50
N PRO A 161 -7.88 23.46 -2.72
CA PRO A 161 -8.58 24.39 -1.81
C PRO A 161 -8.67 23.97 -0.33
N TYR A 162 -8.36 22.73 -0.02
CA TYR A 162 -8.46 22.19 1.33
C TYR A 162 -7.17 22.23 2.09
N ASN A 163 -6.09 22.65 1.45
CA ASN A 163 -4.75 22.63 2.02
C ASN A 163 -4.39 21.20 2.47
N GLU A 164 -4.89 20.23 1.74
CA GLU A 164 -4.64 18.84 2.08
C GLU A 164 -3.31 18.38 1.47
N CYS A 165 -2.46 17.86 2.34
CA CYS A 165 -1.17 17.34 1.88
C CYS A 165 -1.38 16.09 1.00
N ARG A 166 -0.64 16.03 -0.07
CA ARG A 166 -0.84 14.99 -1.07
C ARG A 166 0.19 13.86 -0.97
N ASP A 167 -0.24 12.68 -1.42
CA ASP A 167 0.62 11.50 -1.33
C ASP A 167 1.92 11.70 -2.08
N VAL A 168 1.88 12.35 -3.25
CA VAL A 168 3.13 12.57 -3.98
C VAL A 168 4.16 13.35 -3.18
N GLY A 169 3.75 14.12 -2.17
CA GLY A 169 4.72 14.82 -1.31
C GLY A 169 5.60 13.83 -0.55
N MET A 170 5.13 12.58 -0.37
CA MET A 170 5.97 11.59 0.32
C MET A 170 7.17 11.17 -0.51
N LEU A 171 7.21 11.48 -1.81
CA LEU A 171 8.38 11.12 -2.60
C LEU A 171 9.51 12.14 -2.47
N VAL A 172 9.19 13.34 -1.98
CA VAL A 172 10.16 14.42 -1.97
C VAL A 172 11.23 14.11 -0.95
N GLY A 173 12.48 14.14 -1.38
CA GLY A 173 13.59 13.94 -0.49
C GLY A 173 13.93 12.48 -0.18
N LEU A 174 13.26 11.53 -0.82
CA LEU A 174 13.64 10.12 -0.66
C LEU A 174 15.08 9.85 -1.09
N ASP A 175 15.64 10.63 -2.01
CA ASP A 175 17.03 10.40 -2.39
C ASP A 175 17.96 10.61 -1.20
N ASP A 176 17.57 11.46 -0.24
CA ASP A 176 18.42 11.63 0.95
C ASP A 176 18.40 10.39 1.83
N PHE A 177 17.26 9.70 1.90
CA PHE A 177 17.22 8.44 2.64
C PHE A 177 18.08 7.39 1.94
N VAL A 178 18.00 7.34 0.62
CA VAL A 178 18.84 6.40 -0.11
C VAL A 178 20.31 6.69 0.15
N ALA A 179 20.70 7.96 0.11
CA ALA A 179 22.11 8.31 0.34
C ALA A 179 22.56 7.95 1.77
N ALA A 180 21.67 8.15 2.76
CA ALA A 180 22.03 7.82 4.14
C ALA A 180 22.08 6.32 4.37
N ASN A 181 21.56 5.53 3.43
CA ASN A 181 21.55 4.09 3.55
C ASN A 181 22.25 3.47 2.36
N ASN A 182 23.22 4.21 1.82
CA ASN A 182 23.88 3.85 0.59
C ASN A 182 24.38 2.41 0.62
N GLY A 183 23.99 1.62 -0.39
CA GLY A 183 24.54 0.26 -0.49
C GLY A 183 23.82 -0.78 0.34
N LYS A 184 22.78 -0.39 1.09
CA LYS A 184 22.03 -1.32 1.93
C LYS A 184 20.73 -1.68 1.23
N ASP A 185 20.13 -2.80 1.64
CA ASP A 185 18.75 -3.08 1.26
C ASP A 185 17.83 -2.11 2.00
N MET A 186 16.74 -1.65 1.33
CA MET A 186 15.85 -0.66 1.88
C MET A 186 14.42 -1.03 1.55
N LEU A 187 13.52 -0.85 2.53
CA LEU A 187 12.09 -1.01 2.33
C LEU A 187 11.42 0.25 2.83
N ILE A 188 10.71 0.94 1.93
CA ILE A 188 10.05 2.22 2.21
C ILE A 188 8.56 2.00 2.13
N MET A 189 7.85 2.23 3.23
CA MET A 189 6.39 2.20 3.22
C MET A 189 5.85 3.59 3.08
N LEU A 190 4.90 3.78 2.13
CA LEU A 190 4.26 5.08 1.92
C LEU A 190 2.80 4.83 2.17
N HIS A 191 2.30 5.35 3.29
CA HIS A 191 0.92 5.09 3.71
C HIS A 191 0.06 6.22 3.18
N GLN A 192 -0.72 5.93 2.15
CA GLN A 192 -1.33 7.04 1.44
C GLN A 192 -2.69 7.40 2.00
N MET A 193 -3.09 8.66 1.80
CA MET A 193 -4.48 9.07 2.02
C MET A 193 -5.43 8.44 1.02
N GLY A 194 -5.00 8.33 -0.24
CA GLY A 194 -5.77 7.55 -1.21
C GLY A 194 -7.24 7.97 -1.30
N ASN A 195 -8.13 6.98 -1.24
CA ASN A 195 -9.56 7.21 -1.47
C ASN A 195 -10.34 7.38 -0.18
N HIS A 196 -9.69 7.81 0.90
CA HIS A 196 -10.40 7.97 2.18
C HIS A 196 -11.68 8.80 1.99
N GLY A 197 -12.78 8.33 2.57
CA GLY A 197 -14.05 9.05 2.57
C GLY A 197 -14.31 9.63 3.94
N PRO A 198 -15.45 10.30 4.09
CA PRO A 198 -16.50 10.44 3.08
C PRO A 198 -16.24 11.54 2.05
N ALA A 199 -15.25 12.42 2.27
CA ALA A 199 -15.06 13.55 1.36
C ALA A 199 -14.13 13.18 0.20
N TYR A 200 -14.61 12.25 -0.67
CA TYR A 200 -13.75 11.79 -1.77
C TYR A 200 -13.30 12.95 -2.65
N PHE A 201 -14.16 13.95 -2.80
CA PHE A 201 -13.85 15.13 -3.62
C PHE A 201 -12.64 15.89 -3.11
N LYS A 202 -12.26 15.74 -1.85
CA LYS A 202 -11.08 16.43 -1.36
C LYS A 202 -9.80 15.67 -1.65
N ARG A 203 -9.87 14.44 -2.16
CA ARG A 203 -8.73 13.57 -2.20
C ARG A 203 -7.83 13.75 -3.41
N TYR A 204 -8.19 14.64 -4.36
CA TYR A 204 -7.43 14.76 -5.60
C TYR A 204 -7.39 16.22 -6.03
N ASP A 205 -6.28 16.59 -6.63
CA ASP A 205 -6.13 17.93 -7.19
C ASP A 205 -6.91 18.02 -8.51
N GLU A 206 -7.05 19.26 -8.98
CA GLU A 206 -7.95 19.56 -10.09
C GLU A 206 -7.56 18.84 -11.38
N LYS A 207 -6.29 18.54 -11.60
CA LYS A 207 -5.94 17.88 -12.86
C LYS A 207 -6.55 16.49 -12.96
N PHE A 208 -7.07 15.93 -11.86
CA PHE A 208 -7.71 14.61 -11.86
C PHE A 208 -9.22 14.70 -11.84
N ALA A 209 -9.80 15.90 -11.99
CA ALA A 209 -11.25 16.09 -11.92
C ALA A 209 -11.89 15.75 -13.26
N LYS A 210 -11.75 14.48 -13.64
CA LYS A 210 -12.16 14.02 -14.96
C LYS A 210 -13.63 13.65 -15.03
N PHE A 211 -14.13 12.91 -14.05
CA PHE A 211 -15.52 12.48 -14.05
C PHE A 211 -16.38 13.49 -13.33
N THR A 212 -17.43 13.96 -14.00
CA THR A 212 -18.25 15.05 -13.47
C THR A 212 -19.71 14.78 -13.82
N PRO A 213 -20.64 15.32 -13.02
CA PRO A 213 -20.44 16.12 -11.81
C PRO A 213 -20.00 15.32 -10.59
N VAL A 214 -19.62 16.00 -9.52
CA VAL A 214 -19.10 15.33 -8.33
C VAL A 214 -19.95 15.69 -7.13
N CYS A 215 -20.07 14.73 -6.22
CA CYS A 215 -20.65 15.05 -4.92
C CYS A 215 -19.62 15.79 -4.07
N GLU A 216 -20.04 16.89 -3.49
CA GLU A 216 -19.19 17.72 -2.67
C GLU A 216 -19.72 17.97 -1.26
N GLY A 217 -20.42 17.00 -0.73
CA GLY A 217 -20.96 17.05 0.60
C GLY A 217 -20.60 15.82 1.40
N ASN A 218 -20.62 15.89 2.71
CA ASN A 218 -20.27 14.74 3.53
C ASN A 218 -21.42 13.87 3.92
N GLU A 219 -22.65 14.31 3.60
CA GLU A 219 -23.86 13.53 3.83
C GLU A 219 -24.10 12.67 2.57
N LEU A 220 -23.49 11.48 2.57
CA LEU A 220 -23.33 10.74 1.31
C LEU A 220 -24.65 10.28 0.73
N ALA A 221 -25.62 9.91 1.59
CA ALA A 221 -26.90 9.43 1.10
C ALA A 221 -27.68 10.51 0.37
N LYS A 222 -27.32 11.78 0.54
CA LYS A 222 -27.94 12.85 -0.23
C LYS A 222 -27.27 13.11 -1.58
N CYS A 223 -26.09 12.54 -1.80
CA CYS A 223 -25.43 12.70 -3.08
C CYS A 223 -26.19 11.90 -4.12
N GLU A 224 -26.26 12.41 -5.34
CA GLU A 224 -26.66 11.55 -6.44
C GLU A 224 -25.63 10.46 -6.56
N HIS A 225 -26.09 9.21 -6.72
CA HIS A 225 -25.18 8.07 -6.75
C HIS A 225 -24.05 8.27 -7.77
N GLN A 226 -24.40 8.75 -8.97
CA GLN A 226 -23.35 8.84 -9.99
C GLN A 226 -22.31 9.92 -9.62
N SER A 227 -22.75 10.99 -8.97
CA SER A 227 -21.80 12.02 -8.57
C SER A 227 -20.87 11.54 -7.49
N LEU A 228 -21.36 10.67 -6.61
CA LEU A 228 -20.49 10.07 -5.60
C LEU A 228 -19.44 9.15 -6.25
N ILE A 229 -19.89 8.28 -7.18
CA ILE A 229 -18.99 7.42 -7.93
C ILE A 229 -17.94 8.27 -8.67
N ASN A 230 -18.39 9.38 -9.27
CA ASN A 230 -17.46 10.22 -10.02
C ASN A 230 -16.36 10.77 -9.15
N ALA A 231 -16.70 11.27 -7.95
CA ALA A 231 -15.65 11.75 -7.04
C ALA A 231 -14.69 10.62 -6.64
N TYR A 232 -15.26 9.44 -6.32
CA TYR A 232 -14.44 8.28 -5.95
C TYR A 232 -13.48 7.91 -7.09
N ASP A 233 -13.96 7.94 -8.33
CA ASP A 233 -13.11 7.54 -9.45
C ASP A 233 -12.05 8.57 -9.73
N ASN A 234 -12.38 9.89 -9.55
CA ASN A 234 -11.32 10.90 -9.67
C ASN A 234 -10.22 10.69 -8.65
N ALA A 235 -10.59 10.27 -7.43
CA ALA A 235 -9.54 10.00 -6.43
C ALA A 235 -8.69 8.80 -6.86
N LEU A 236 -9.30 7.83 -7.54
CA LEU A 236 -8.49 6.72 -8.07
C LEU A 236 -7.48 7.21 -9.10
N LEU A 237 -7.88 8.16 -9.99
CA LEU A 237 -6.93 8.69 -10.96
C LEU A 237 -5.75 9.32 -10.26
N ALA A 238 -5.99 9.98 -9.12
CA ALA A 238 -4.84 10.56 -8.43
C ALA A 238 -3.92 9.50 -7.82
N THR A 239 -4.49 8.36 -7.41
CA THR A 239 -3.68 7.25 -6.91
C THR A 239 -2.92 6.58 -8.05
N ASP A 240 -3.56 6.40 -9.21
CA ASP A 240 -2.81 5.94 -10.40
C ASP A 240 -1.60 6.82 -10.64
N ASP A 241 -1.79 8.13 -10.53
CA ASP A 241 -0.68 9.06 -10.71
C ASP A 241 0.40 8.87 -9.64
N PHE A 242 -0.01 8.73 -8.39
CA PHE A 242 0.95 8.60 -7.31
C PHE A 242 1.74 7.30 -7.45
N ILE A 243 1.07 6.19 -7.79
CA ILE A 243 1.80 4.93 -7.99
C ILE A 243 2.76 5.06 -9.17
N ALA A 244 2.30 5.63 -10.29
CA ALA A 244 3.19 5.87 -11.42
C ALA A 244 4.41 6.69 -11.03
N GLN A 245 4.21 7.76 -10.23
CA GLN A 245 5.36 8.60 -9.83
C GLN A 245 6.27 7.84 -8.88
N SER A 246 5.73 6.93 -8.08
CA SER A 246 6.56 6.11 -7.18
C SER A 246 7.44 5.16 -7.97
N ILE A 247 6.86 4.55 -9.03
CA ILE A 247 7.67 3.74 -9.96
C ILE A 247 8.73 4.59 -10.62
N GLN A 248 8.35 5.78 -11.12
CA GLN A 248 9.34 6.63 -11.79
C GLN A 248 10.47 7.00 -10.85
N TRP A 249 10.15 7.23 -9.56
CA TRP A 249 11.19 7.50 -8.58
C TRP A 249 12.12 6.30 -8.46
N LEU A 250 11.56 5.11 -8.30
CA LEU A 250 12.38 3.91 -8.22
C LEU A 250 13.27 3.76 -9.43
N GLN A 251 12.76 4.13 -10.61
CA GLN A 251 13.54 3.99 -11.82
C GLN A 251 14.74 4.89 -11.85
N THR A 252 14.75 5.97 -11.05
CA THR A 252 15.96 6.78 -10.92
C THR A 252 17.05 6.10 -10.10
N HIS A 253 16.78 4.95 -9.53
CA HIS A 253 17.76 4.22 -8.75
C HIS A 253 17.97 2.82 -9.29
N SER A 254 17.44 2.51 -10.46
CA SER A 254 17.46 1.12 -10.93
C SER A 254 18.83 0.63 -11.40
N ASN A 255 19.78 1.54 -11.66
CA ASN A 255 21.14 1.06 -11.97
C ASN A 255 21.80 0.47 -10.74
N ALA A 256 21.75 1.20 -9.61
CA ALA A 256 22.46 0.78 -8.42
C ALA A 256 21.66 -0.21 -7.58
N TYR A 257 20.33 -0.18 -7.65
CA TYR A 257 19.47 -1.00 -6.80
C TYR A 257 18.55 -1.85 -7.66
N ASP A 258 18.20 -3.06 -7.17
CA ASP A 258 17.10 -3.85 -7.72
C ASP A 258 15.82 -3.28 -7.16
N VAL A 259 15.03 -2.66 -8.00
CA VAL A 259 13.86 -1.91 -7.55
C VAL A 259 12.53 -2.61 -7.84
N SER A 260 11.62 -2.53 -6.88
CA SER A 260 10.26 -3.06 -7.04
C SER A 260 9.29 -2.21 -6.24
N MET A 261 8.00 -2.32 -6.59
CA MET A 261 6.91 -1.56 -5.92
C MET A 261 5.75 -2.52 -5.70
N LEU A 262 5.27 -2.60 -4.47
CA LEU A 262 4.04 -3.32 -4.16
C LEU A 262 3.00 -2.32 -3.71
N TYR A 263 1.78 -2.45 -4.22
CA TYR A 263 0.63 -1.69 -3.78
C TYR A 263 -0.44 -2.65 -3.30
N VAL A 264 -1.00 -2.40 -2.12
CA VAL A 264 -2.24 -3.09 -1.73
C VAL A 264 -3.06 -2.16 -0.87
N SER A 265 -4.38 -2.09 -1.10
CA SER A 265 -5.25 -1.27 -0.26
C SER A 265 -5.55 -1.96 1.07
N ASP A 266 -5.78 -1.13 2.11
CA ASP A 266 -6.14 -1.69 3.45
C ASP A 266 -7.53 -2.33 3.48
N HIS A 267 -8.47 -1.84 2.66
CA HIS A 267 -9.84 -2.36 2.59
C HIS A 267 -10.51 -1.58 1.47
N GLY A 268 -11.69 -2.03 1.11
CA GLY A 268 -12.55 -1.37 0.11
C GLY A 268 -13.50 -0.37 0.76
N GLU A 269 -14.66 -0.21 0.16
CA GLU A 269 -15.57 0.85 0.58
C GLU A 269 -16.94 0.52 0.02
N SER A 270 -17.99 0.73 0.82
CA SER A 270 -19.34 0.68 0.27
C SER A 270 -19.70 2.07 -0.27
N LEU A 271 -20.43 2.09 -1.39
CA LEU A 271 -20.76 3.35 -2.09
C LEU A 271 -22.24 3.42 -2.27
N GLY A 272 -23.00 3.01 -1.26
CA GLY A 272 -24.45 3.15 -1.31
C GLY A 272 -25.20 1.89 -1.63
N GLU A 273 -24.51 0.79 -1.90
CA GLU A 273 -25.20 -0.47 -2.15
C GLU A 273 -26.00 -0.85 -0.93
N ASN A 274 -27.31 -1.03 -1.12
CA ASN A 274 -28.20 -1.39 -0.01
C ASN A 274 -28.14 -0.37 1.12
N GLY A 275 -27.85 0.88 0.78
CA GLY A 275 -27.84 1.94 1.76
C GLY A 275 -26.60 2.00 2.63
N VAL A 276 -25.56 1.23 2.32
CA VAL A 276 -24.34 1.14 3.12
C VAL A 276 -23.29 2.08 2.53
N TYR A 277 -22.63 2.83 3.44
CA TYR A 277 -21.57 3.75 3.06
C TYR A 277 -20.35 3.48 3.95
N LEU A 278 -19.20 4.01 3.51
CA LEU A 278 -17.92 3.88 4.23
C LEU A 278 -17.54 2.42 4.40
N HIS A 279 -16.88 2.07 5.50
CA HIS A 279 -16.30 0.73 5.65
C HIS A 279 -16.51 0.28 7.11
N GLY A 280 -15.61 -0.53 7.64
CA GLY A 280 -15.67 -0.84 9.05
C GLY A 280 -16.63 -1.92 9.46
N MET A 281 -17.42 -2.49 8.56
CA MET A 281 -18.36 -3.54 8.98
C MET A 281 -17.58 -4.77 9.45
N PRO A 282 -18.06 -5.49 10.46
CA PRO A 282 -17.36 -6.71 10.89
C PRO A 282 -17.27 -7.67 9.72
N ASN A 283 -16.17 -8.41 9.66
CA ASN A 283 -16.01 -9.33 8.54
C ASN A 283 -17.17 -10.29 8.44
N ALA A 284 -17.75 -10.70 9.57
CA ALA A 284 -18.88 -11.62 9.52
C ALA A 284 -20.03 -11.11 8.65
N PHE A 285 -20.22 -9.80 8.53
CA PHE A 285 -21.39 -9.25 7.85
C PHE A 285 -21.02 -8.29 6.77
N ALA A 286 -19.75 -8.06 6.52
CA ALA A 286 -19.37 -7.00 5.61
C ALA A 286 -19.71 -7.34 4.18
N PRO A 287 -20.20 -6.39 3.41
CA PRO A 287 -20.38 -6.67 1.97
C PRO A 287 -19.05 -6.80 1.27
N LYS A 288 -19.09 -7.49 0.12
CA LYS A 288 -17.86 -7.86 -0.55
C LYS A 288 -17.06 -6.64 -0.96
N GLU A 289 -17.72 -5.52 -1.22
CA GLU A 289 -17.03 -4.31 -1.66
C GLU A 289 -16.10 -3.76 -0.60
N GLN A 290 -16.32 -4.11 0.69
CA GLN A 290 -15.44 -3.63 1.74
C GLN A 290 -14.17 -4.45 1.86
N ARG A 291 -14.10 -5.61 1.20
CA ARG A 291 -12.86 -6.39 1.30
C ARG A 291 -12.18 -6.70 -0.01
N SER A 292 -12.81 -6.46 -1.14
CA SER A 292 -12.19 -6.78 -2.41
C SER A 292 -11.35 -5.58 -2.84
N VAL A 293 -10.02 -5.73 -2.80
CA VAL A 293 -9.09 -4.61 -2.92
C VAL A 293 -8.19 -4.82 -4.14
N PRO A 294 -7.67 -3.75 -4.73
CA PRO A 294 -6.66 -3.91 -5.77
C PRO A 294 -5.32 -4.27 -5.14
N ALA A 295 -4.50 -4.91 -5.98
CA ALA A 295 -3.08 -5.03 -5.67
C ALA A 295 -2.32 -4.96 -6.98
N PHE A 296 -1.18 -4.27 -6.94
CA PHE A 296 -0.31 -4.13 -8.10
C PHE A 296 1.10 -4.44 -7.66
N PHE A 297 1.85 -5.04 -8.56
CA PHE A 297 3.26 -5.29 -8.29
C PHE A 297 4.03 -4.88 -9.54
N TRP A 298 5.08 -4.06 -9.35
CA TRP A 298 5.96 -3.68 -10.43
C TRP A 298 7.39 -4.05 -10.06
N THR A 299 8.15 -4.51 -11.04
CA THR A 299 9.57 -4.66 -10.81
C THR A 299 10.32 -4.32 -12.08
N ASP A 300 11.54 -3.85 -11.91
CA ASP A 300 12.38 -3.61 -13.06
C ASP A 300 12.85 -4.94 -13.65
N LYS A 301 13.17 -4.91 -14.92
CA LYS A 301 13.57 -6.09 -15.62
C LYS A 301 14.82 -6.78 -15.09
N GLN A 302 15.68 -6.08 -14.47
CA GLN A 302 16.89 -6.63 -13.96
C GLN A 302 16.80 -7.47 -12.68
N THR A 303 15.64 -7.48 -12.02
CA THR A 303 15.65 -7.93 -10.63
C THR A 303 15.54 -9.43 -10.46
N GLY A 304 15.14 -10.16 -11.50
CA GLY A 304 14.90 -11.58 -11.34
C GLY A 304 13.65 -11.95 -10.58
N ILE A 305 12.81 -10.99 -10.24
CA ILE A 305 11.59 -11.28 -9.50
C ILE A 305 10.49 -11.60 -10.51
N THR A 306 9.74 -12.70 -10.25
CA THR A 306 8.71 -13.18 -11.14
C THR A 306 7.36 -13.01 -10.46
N PRO A 307 6.40 -12.28 -11.02
CA PRO A 307 5.09 -12.18 -10.40
C PRO A 307 4.30 -13.47 -10.52
N MET A 308 3.39 -13.67 -9.56
CA MET A 308 2.40 -14.73 -9.67
C MET A 308 1.38 -14.39 -10.74
N ALA A 309 0.60 -15.41 -11.14
CA ALA A 309 -0.47 -15.21 -12.10
C ALA A 309 -1.48 -14.19 -11.60
N THR A 310 -2.01 -13.42 -12.52
CA THR A 310 -2.91 -12.32 -12.16
C THR A 310 -4.15 -12.79 -11.43
N ASP A 311 -4.62 -14.01 -11.67
CA ASP A 311 -5.83 -14.55 -11.05
C ASP A 311 -5.55 -15.41 -9.84
N THR A 312 -4.31 -15.43 -9.33
CA THR A 312 -4.04 -16.17 -8.10
C THR A 312 -4.98 -15.68 -6.99
N VAL A 313 -5.57 -16.61 -6.24
CA VAL A 313 -6.40 -16.21 -5.11
C VAL A 313 -5.48 -15.71 -4.01
N LEU A 314 -5.62 -14.42 -3.65
CA LEU A 314 -4.67 -13.74 -2.79
C LEU A 314 -5.39 -12.96 -1.69
N THR A 315 -4.65 -12.68 -0.61
CA THR A 315 -5.17 -11.92 0.52
C THR A 315 -4.04 -11.09 1.08
N HIS A 316 -4.33 -10.31 2.11
CA HIS A 316 -3.26 -9.63 2.80
C HIS A 316 -2.24 -10.59 3.39
N ASP A 317 -2.60 -11.87 3.59
CA ASP A 317 -1.62 -12.82 4.13
C ASP A 317 -0.45 -13.02 3.17
N ALA A 318 -0.60 -12.62 1.91
CA ALA A 318 0.49 -12.73 0.96
C ALA A 318 1.55 -11.64 1.13
N ILE A 319 1.24 -10.58 1.86
CA ILE A 319 2.18 -9.45 1.95
C ILE A 319 3.48 -9.86 2.67
N THR A 320 3.39 -10.47 3.85
CA THR A 320 4.60 -10.81 4.60
C THR A 320 5.51 -11.72 3.79
N PRO A 321 5.07 -12.83 3.21
CA PRO A 321 6.00 -13.62 2.39
C PRO A 321 6.52 -12.87 1.19
N THR A 322 5.73 -11.98 0.60
CA THR A 322 6.25 -11.18 -0.53
C THR A 322 7.41 -10.31 -0.10
N LEU A 323 7.23 -9.56 1.00
CA LEU A 323 8.32 -8.72 1.49
C LEU A 323 9.54 -9.53 1.85
N LEU A 324 9.39 -10.68 2.51
CA LEU A 324 10.56 -11.51 2.79
C LEU A 324 11.23 -11.95 1.50
N LYS A 325 10.45 -12.45 0.54
CA LYS A 325 11.03 -12.93 -0.72
C LYS A 325 11.76 -11.81 -1.47
N LEU A 326 11.24 -10.58 -1.41
CA LEU A 326 11.90 -9.50 -2.12
C LEU A 326 13.30 -9.27 -1.61
N PHE A 327 13.55 -9.57 -0.32
CA PHE A 327 14.86 -9.38 0.27
C PHE A 327 15.62 -10.68 0.43
N ASP A 328 15.19 -11.74 -0.24
CA ASP A 328 15.90 -13.03 -0.19
C ASP A 328 15.92 -13.64 1.21
N VAL A 329 14.84 -13.45 1.95
CA VAL A 329 14.73 -13.96 3.32
C VAL A 329 13.75 -15.13 3.36
N THR A 330 14.12 -16.17 4.08
CA THR A 330 13.19 -17.26 4.35
C THR A 330 12.88 -17.30 5.84
N ALA A 331 11.62 -17.60 6.19
CA ALA A 331 11.20 -17.76 7.58
C ALA A 331 10.26 -18.95 7.60
N ASP A 332 10.52 -19.87 8.52
CA ASP A 332 9.79 -21.13 8.56
C ASP A 332 8.28 -20.91 8.64
N LYS A 333 7.85 -19.89 9.39
CA LYS A 333 6.44 -19.70 9.67
C LYS A 333 5.66 -19.44 8.38
N VAL A 334 6.30 -18.86 7.35
CA VAL A 334 5.59 -18.52 6.12
C VAL A 334 6.24 -19.19 4.91
N LYS A 335 7.00 -20.23 5.13
CA LYS A 335 7.80 -20.82 4.09
C LYS A 335 7.09 -21.25 2.87
N ASP A 336 5.97 -21.81 3.03
CA ASP A 336 5.25 -22.24 1.84
C ASP A 336 3.99 -21.41 1.54
N ARG A 337 3.82 -20.31 2.24
CA ARG A 337 2.67 -19.42 2.05
C ARG A 337 2.73 -18.71 0.70
N THR A 338 1.59 -18.62 0.04
CA THR A 338 1.56 -17.97 -1.27
C THR A 338 1.88 -16.50 -1.11
N ALA A 339 2.67 -15.96 -2.06
CA ALA A 339 3.02 -14.55 -2.10
C ALA A 339 2.52 -13.96 -3.42
N PHE A 340 2.76 -12.66 -3.64
CA PHE A 340 2.47 -12.01 -4.91
C PHE A 340 3.50 -12.32 -5.97
N ILE A 341 4.62 -12.94 -5.56
CA ILE A 341 5.74 -13.28 -6.42
C ILE A 341 6.17 -14.71 -6.13
N ARG A 342 6.91 -15.30 -7.06
CA ARG A 342 7.45 -16.65 -6.83
C ARG A 342 8.55 -16.68 -5.76
#